data_9DXW
#
_entry.id   9DXW
#
_cell.length_a   44.689
_cell.length_b   51.337
_cell.length_c   78.541
_cell.angle_alpha   90.00
_cell.angle_beta   93.14
_cell.angle_gamma   90.00
#
_symmetry.space_group_name_H-M   'P 1 21 1'
#
loop_
_entity.id
_entity.type
_entity.pdbx_description
1 polymer 'Cytochrome P450'
2 non-polymer 'PROTOPORPHYRIN IX CONTAINING FE'
3 non-polymer '4-~{tert}-butylbenzoic acid'
4 non-polymer 'CHLORIDE ION'
5 water water
#
_entity_poly.entity_id   1
_entity_poly.type   'polypeptide(L)'
_entity_poly.pdbx_seq_one_letter_code
;MISNSSAESISAPPNDSTIPHLAIDPFSLDFFDDPYPDQQTLRDAGPVVYLDKWNVYGVARYAEVHAVLNDPTTFCSSRG
VGLSDFKKEKPWRPPSLILEADPPAHTRPRAVLSKVLSPATMKTIRDGFAAAADAKVDELLQRGCIDAIADLAEAYPLSV
FPDAMGLKQEGREHLLPYAGLVANAFGPPNELRQTAIERSAPHQAYVNEQCQRPNLAPGGFGACIHAFTDTGEITPDEAP
LLVRSLLSAGLDTTVNGIGAAVYCLARFPGELQRLRSDPTLARNAFEEAVRFESPVQTFFRTTTREVELGGAVIGEGEKV
LMFLGSANRDPRRWSDPDLYDITRKTSGHVGFGSGVHMCVGQLVARLEGEVMLSALARKVAAIDIDGPVKRRFNNTLRGL
ESLPVKLTPA
;
_entity_poly.pdbx_strand_id   A
#
loop_
_chem_comp.id
_chem_comp.type
_chem_comp.name
_chem_comp.formula
5R0 non-polymer '4-~{tert}-butylbenzoic acid' 'C11 H14 O2'
CL non-polymer 'CHLORIDE ION' 'Cl -1'
HEM non-polymer 'PROTOPORPHYRIN IX CONTAINING FE' 'C34 H32 Fe N4 O4'
#
# COMPACT_ATOMS: atom_id res chain seq x y z
N THR A 18 -15.54 -29.68 -6.46
CA THR A 18 -15.20 -28.97 -7.69
C THR A 18 -14.09 -27.97 -7.44
N ILE A 19 -14.22 -27.21 -6.36
CA ILE A 19 -13.22 -26.21 -5.98
C ILE A 19 -12.12 -26.89 -5.17
N PRO A 20 -10.85 -26.69 -5.52
CA PRO A 20 -9.78 -27.30 -4.73
C PRO A 20 -9.65 -26.64 -3.37
N HIS A 21 -9.49 -27.47 -2.34
CA HIS A 21 -9.20 -27.04 -0.99
C HIS A 21 -7.70 -27.11 -0.76
N LEU A 22 -7.14 -26.09 -0.13
CA LEU A 22 -5.71 -26.02 0.14
C LEU A 22 -5.46 -25.67 1.60
N ALA A 23 -4.38 -26.21 2.15
CA ALA A 23 -3.97 -25.95 3.52
C ALA A 23 -2.97 -24.82 3.63
N ILE A 24 -2.63 -24.17 2.52
CA ILE A 24 -1.69 -23.05 2.55
C ILE A 24 -2.24 -21.93 3.42
N ASP A 25 -1.45 -21.50 4.39
CA ASP A 25 -1.79 -20.34 5.22
C ASP A 25 -1.12 -19.12 4.63
N PRO A 26 -1.84 -18.25 3.91
CA PRO A 26 -1.20 -17.05 3.34
C PRO A 26 -0.80 -16.02 4.36
N PHE A 27 -1.03 -16.28 5.65
CA PHE A 27 -0.67 -15.35 6.71
C PHE A 27 0.34 -15.96 7.67
N SER A 28 1.02 -17.04 7.27
CA SER A 28 2.05 -17.65 8.07
C SER A 28 3.40 -17.00 7.78
N LEU A 29 4.30 -17.08 8.76
CA LEU A 29 5.62 -16.47 8.60
C LEU A 29 6.37 -17.08 7.42
N ASP A 30 6.26 -18.39 7.23
CA ASP A 30 6.90 -19.04 6.10
C ASP A 30 6.37 -18.50 4.77
N PHE A 31 5.08 -18.18 4.71
CA PHE A 31 4.50 -17.61 3.50
C PHE A 31 5.05 -16.20 3.27
N PHE A 32 5.08 -15.37 4.32
CA PHE A 32 5.65 -14.03 4.18
C PHE A 32 7.10 -14.09 3.74
N ASP A 33 7.85 -15.08 4.24
CA ASP A 33 9.28 -15.18 3.96
C ASP A 33 9.54 -15.41 2.47
N ASP A 34 8.68 -16.19 1.81
CA ASP A 34 8.79 -16.44 0.38
C ASP A 34 7.43 -16.86 -0.15
N PRO A 35 6.60 -15.91 -0.60
CA PRO A 35 5.24 -16.25 -1.00
C PRO A 35 5.11 -16.79 -2.42
N TYR A 36 6.15 -16.69 -3.24
CA TYR A 36 5.99 -16.89 -4.67
C TYR A 36 5.74 -18.35 -5.07
N PRO A 37 6.42 -19.34 -4.48
CA PRO A 37 6.05 -20.73 -4.80
C PRO A 37 4.60 -21.06 -4.43
N ASP A 38 4.16 -20.70 -3.23
CA ASP A 38 2.79 -20.98 -2.83
C ASP A 38 1.78 -20.24 -3.70
N GLN A 39 2.15 -19.07 -4.22
CA GLN A 39 1.22 -18.31 -5.05
C GLN A 39 1.02 -18.96 -6.41
N GLN A 40 2.07 -19.55 -6.99
CA GLN A 40 1.87 -20.34 -8.20
C GLN A 40 0.98 -21.54 -7.92
N THR A 41 1.22 -22.23 -6.81
CA THR A 41 0.34 -23.33 -6.41
C THR A 41 -1.10 -22.86 -6.30
N LEU A 42 -1.32 -21.66 -5.74
CA LEU A 42 -2.67 -21.12 -5.65
C LEU A 42 -3.24 -20.80 -7.03
N ARG A 43 -2.43 -20.23 -7.91
CA ARG A 43 -2.91 -19.88 -9.25
C ARG A 43 -3.22 -21.13 -10.06
N ASP A 44 -2.32 -22.11 -10.05
CA ASP A 44 -2.45 -23.27 -10.92
C ASP A 44 -3.45 -24.30 -10.40
N ALA A 45 -3.79 -24.24 -9.11
CA ALA A 45 -4.80 -25.16 -8.57
C ALA A 45 -6.15 -24.92 -9.21
N GLY A 46 -6.44 -23.68 -9.62
CA GLY A 46 -7.71 -23.36 -10.23
C GLY A 46 -8.00 -21.88 -10.13
N PRO A 47 -9.00 -21.40 -10.89
CA PRO A 47 -9.37 -19.99 -10.80
C PRO A 47 -9.89 -19.59 -9.43
N VAL A 48 -10.53 -20.50 -8.71
CA VAL A 48 -11.02 -20.25 -7.37
C VAL A 48 -10.62 -21.42 -6.48
N VAL A 49 -10.03 -21.11 -5.34
CA VAL A 49 -9.64 -22.12 -4.36
C VAL A 49 -10.41 -21.86 -3.07
N TYR A 50 -10.42 -22.87 -2.20
CA TYR A 50 -10.92 -22.72 -0.84
C TYR A 50 -9.76 -22.97 0.11
N LEU A 51 -9.54 -22.04 1.03
CA LEU A 51 -8.45 -22.12 2.01
C LEU A 51 -9.03 -22.65 3.31
N ASP A 52 -8.80 -23.94 3.58
CA ASP A 52 -9.35 -24.59 4.77
C ASP A 52 -8.82 -23.99 6.07
N LYS A 53 -7.64 -23.35 6.03
CA LYS A 53 -7.06 -22.79 7.24
C LYS A 53 -7.93 -21.69 7.84
N TRP A 54 -8.58 -20.89 6.99
CA TRP A 54 -9.37 -19.77 7.47
C TRP A 54 -10.81 -19.77 6.96
N ASN A 55 -11.23 -20.81 6.25
CA ASN A 55 -12.60 -20.93 5.75
C ASN A 55 -12.97 -19.74 4.87
N VAL A 56 -12.13 -19.46 3.87
CA VAL A 56 -12.37 -18.38 2.92
C VAL A 56 -12.07 -18.88 1.52
N TYR A 57 -12.69 -18.23 0.54
CA TYR A 57 -12.35 -18.47 -0.85
C TYR A 57 -11.15 -17.61 -1.24
N GLY A 58 -10.35 -18.13 -2.17
CA GLY A 58 -9.18 -17.42 -2.63
C GLY A 58 -9.14 -17.33 -4.14
N VAL A 59 -8.65 -16.20 -4.64
CA VAL A 59 -8.42 -15.99 -6.07
C VAL A 59 -7.02 -15.40 -6.22
N ALA A 60 -6.18 -16.08 -6.99
CA ALA A 60 -4.78 -15.69 -7.13
C ALA A 60 -4.39 -15.31 -8.55
N ARG A 61 -5.24 -15.57 -9.54
CA ARG A 61 -4.94 -15.19 -10.91
C ARG A 61 -5.40 -13.75 -11.16
N TYR A 62 -4.77 -13.12 -12.16
CA TYR A 62 -5.09 -11.73 -12.47
C TYR A 62 -6.56 -11.58 -12.86
N ALA A 63 -7.07 -12.49 -13.69
CA ALA A 63 -8.41 -12.32 -14.25
C ALA A 63 -9.48 -12.30 -13.17
N GLU A 64 -9.42 -13.25 -12.23
CA GLU A 64 -10.44 -13.31 -11.19
C GLU A 64 -10.27 -12.19 -10.17
N VAL A 65 -9.02 -11.87 -9.81
CA VAL A 65 -8.77 -10.75 -8.89
C VAL A 65 -9.32 -9.46 -9.49
N HIS A 66 -9.04 -9.23 -10.77
CA HIS A 66 -9.55 -8.03 -11.44
C HIS A 66 -11.08 -8.03 -11.47
N ALA A 67 -11.69 -9.19 -11.73
CA ALA A 67 -13.14 -9.26 -11.77
C ALA A 67 -13.76 -8.94 -10.42
N VAL A 68 -13.21 -9.52 -9.35
CA VAL A 68 -13.74 -9.28 -8.01
C VAL A 68 -13.63 -7.81 -7.64
N LEU A 69 -12.49 -7.18 -7.95
CA LEU A 69 -12.30 -5.77 -7.62
C LEU A 69 -13.28 -4.88 -8.37
N ASN A 70 -13.72 -5.29 -9.56
CA ASN A 70 -14.57 -4.47 -10.40
C ASN A 70 -16.04 -4.85 -10.30
N ASP A 71 -16.41 -5.68 -9.33
CA ASP A 71 -17.81 -6.00 -9.03
C ASP A 71 -18.08 -5.69 -7.57
N PRO A 72 -18.13 -4.40 -7.20
CA PRO A 72 -18.33 -4.05 -5.78
C PRO A 72 -19.72 -4.36 -5.26
N THR A 73 -20.73 -4.48 -6.12
CA THR A 73 -22.06 -4.81 -5.64
C THR A 73 -22.10 -6.25 -5.14
N THR A 74 -21.45 -7.17 -5.84
CA THR A 74 -21.40 -8.55 -5.41
C THR A 74 -20.35 -8.76 -4.32
N PHE A 75 -19.15 -8.26 -4.54
CA PHE A 75 -18.02 -8.41 -3.62
C PHE A 75 -17.82 -7.09 -2.89
N CYS A 76 -18.56 -6.90 -1.81
CA CYS A 76 -18.63 -5.61 -1.13
C CYS A 76 -17.45 -5.42 -0.18
N SER A 77 -17.28 -4.18 0.27
CA SER A 77 -16.26 -3.84 1.25
C SER A 77 -16.83 -3.41 2.59
N SER A 78 -18.13 -3.13 2.69
CA SER A 78 -18.70 -2.59 3.92
C SER A 78 -18.79 -3.64 5.03
N ARG A 79 -18.73 -4.91 4.71
CA ARG A 79 -18.64 -5.95 5.73
C ARG A 79 -17.19 -6.28 6.10
N GLY A 80 -16.26 -5.39 5.77
CA GLY A 80 -14.86 -5.57 6.12
C GLY A 80 -14.01 -6.02 4.95
N VAL A 81 -12.82 -5.45 4.82
CA VAL A 81 -11.84 -5.90 3.84
C VAL A 81 -10.75 -6.76 4.48
N GLY A 82 -10.89 -7.08 5.77
CA GLY A 82 -10.09 -8.09 6.41
C GLY A 82 -10.84 -9.41 6.50
N LEU A 83 -10.24 -10.35 7.23
CA LEU A 83 -10.90 -11.64 7.42
C LEU A 83 -12.22 -11.48 8.15
N SER A 84 -12.27 -10.58 9.13
CA SER A 84 -13.45 -10.43 9.97
C SER A 84 -14.64 -9.92 9.18
N ASP A 85 -15.80 -10.54 9.37
CA ASP A 85 -17.05 -10.11 8.76
C ASP A 85 -17.73 -9.17 9.75
N PHE A 86 -17.89 -7.89 9.34
CA PHE A 86 -18.48 -6.91 10.23
C PHE A 86 -19.93 -7.24 10.58
N LYS A 87 -20.59 -8.08 9.78
CA LYS A 87 -21.92 -8.56 10.13
C LYS A 87 -21.89 -9.60 11.25
N LYS A 88 -20.72 -10.14 11.57
CA LYS A 88 -20.56 -11.16 12.59
C LYS A 88 -19.78 -10.68 13.80
N GLU A 89 -18.74 -9.87 13.60
CA GLU A 89 -17.90 -9.38 14.69
C GLU A 89 -17.86 -7.87 14.67
N LYS A 90 -17.49 -7.30 15.83
CA LYS A 90 -17.29 -5.86 15.88
C LYS A 90 -15.95 -5.50 15.24
N PRO A 91 -15.90 -4.45 14.43
CA PRO A 91 -14.61 -3.98 13.94
C PRO A 91 -13.77 -3.45 15.11
N TRP A 92 -12.45 -3.66 15.00
CA TRP A 92 -11.56 -3.21 16.06
C TRP A 92 -11.52 -1.69 16.18
N ARG A 93 -11.92 -0.97 15.15
CA ARG A 93 -12.05 0.47 15.14
C ARG A 93 -13.26 0.82 14.29
N PRO A 94 -13.84 2.01 14.48
CA PRO A 94 -14.97 2.41 13.64
C PRO A 94 -14.63 2.29 12.17
N PRO A 95 -15.57 1.79 11.36
CA PRO A 95 -15.26 1.53 9.95
C PRO A 95 -14.80 2.79 9.24
N SER A 96 -13.84 2.61 8.33
CA SER A 96 -13.44 3.70 7.46
C SER A 96 -14.60 4.10 6.57
N LEU A 97 -14.84 5.41 6.45
CA LEU A 97 -15.92 5.89 5.60
C LEU A 97 -15.63 5.70 4.12
N ILE A 98 -14.46 5.19 3.77
CA ILE A 98 -14.06 5.09 2.37
C ILE A 98 -13.62 3.66 2.04
N LEU A 99 -12.65 3.13 2.80
CA LEU A 99 -12.13 1.80 2.50
C LEU A 99 -13.18 0.72 2.79
N GLU A 100 -13.92 0.86 3.89
CA GLU A 100 -14.88 -0.14 4.32
C GLU A 100 -16.31 0.35 4.10
N ALA A 101 -16.56 0.98 2.96
CA ALA A 101 -17.89 1.44 2.59
C ALA A 101 -18.17 1.07 1.13
N ASP A 102 -19.46 0.96 0.82
CA ASP A 102 -19.91 0.62 -0.51
C ASP A 102 -20.65 1.81 -1.14
N PRO A 103 -20.66 1.90 -2.47
CA PRO A 103 -21.56 2.85 -3.13
C PRO A 103 -23.00 2.55 -2.75
N PRO A 104 -23.83 3.58 -2.55
CA PRO A 104 -23.53 5.00 -2.75
C PRO A 104 -22.83 5.70 -1.57
N ALA A 105 -22.88 5.14 -0.36
CA ALA A 105 -22.30 5.82 0.80
C ALA A 105 -20.82 6.11 0.61
N HIS A 106 -20.15 5.31 -0.21
CA HIS A 106 -18.71 5.48 -0.47
C HIS A 106 -18.42 6.65 -1.40
N THR A 107 -19.40 7.05 -2.21
CA THR A 107 -19.14 7.90 -3.37
C THR A 107 -18.66 9.29 -2.97
N ARG A 108 -19.40 9.97 -2.10
CA ARG A 108 -19.08 11.36 -1.78
C ARG A 108 -17.84 11.53 -0.90
N PRO A 109 -17.63 10.70 0.13
CA PRO A 109 -16.32 10.75 0.81
C PRO A 109 -15.17 10.47 -0.13
N ARG A 110 -15.38 9.61 -1.14
CA ARG A 110 -14.35 9.37 -2.14
C ARG A 110 -14.01 10.63 -2.91
N ALA A 111 -15.04 11.32 -3.43
CA ALA A 111 -14.81 12.52 -4.21
C ALA A 111 -14.10 13.60 -3.40
N VAL A 112 -14.35 13.65 -2.09
CA VAL A 112 -13.69 14.65 -1.25
C VAL A 112 -12.20 14.35 -1.13
N LEU A 113 -11.86 13.10 -0.80
CA LEU A 113 -10.45 12.73 -0.74
C LEU A 113 -9.77 12.86 -2.09
N SER A 114 -10.52 12.61 -3.17
CA SER A 114 -9.97 12.82 -4.52
C SER A 114 -9.64 14.29 -4.75
N LYS A 115 -10.55 15.19 -4.38
CA LYS A 115 -10.29 16.61 -4.56
C LYS A 115 -9.23 17.13 -3.59
N VAL A 116 -9.15 16.56 -2.40
CA VAL A 116 -8.10 16.95 -1.46
C VAL A 116 -6.74 16.55 -2.02
N LEU A 117 -6.63 15.34 -2.56
CA LEU A 117 -5.39 14.83 -3.17
C LEU A 117 -5.44 14.97 -4.68
N SER A 118 -5.75 16.19 -5.16
CA SER A 118 -6.04 16.47 -6.55
C SER A 118 -4.78 16.69 -7.35
N PRO A 119 -4.87 16.63 -8.68
CA PRO A 119 -3.75 17.09 -9.52
C PRO A 119 -3.31 18.51 -9.19
N ALA A 120 -4.25 19.40 -8.87
CA ALA A 120 -3.88 20.76 -8.50
C ALA A 120 -3.10 20.78 -7.18
N THR A 121 -3.39 19.85 -6.27
CA THR A 121 -2.65 19.79 -5.02
C THR A 121 -1.25 19.25 -5.24
N MET A 122 -1.10 18.28 -6.17
CA MET A 122 0.23 17.75 -6.46
C MET A 122 1.13 18.83 -7.06
N LYS A 123 0.57 19.72 -7.87
CA LYS A 123 1.36 20.80 -8.45
C LYS A 123 1.90 21.74 -7.39
N THR A 124 1.16 21.90 -6.29
CA THR A 124 1.58 22.82 -5.22
C THR A 124 2.73 22.26 -4.39
N ILE A 125 2.79 20.93 -4.22
CA ILE A 125 3.75 20.30 -3.33
C ILE A 125 4.88 19.61 -4.07
N ARG A 126 4.87 19.59 -5.40
CA ARG A 126 5.83 18.77 -6.13
C ARG A 126 7.26 19.26 -5.94
N ASP A 127 7.47 20.58 -5.98
N ASP A 127 7.47 20.58 -5.98
CA ASP A 127 8.81 21.14 -5.84
CA ASP A 127 8.81 21.14 -5.83
C ASP A 127 9.39 20.85 -4.46
C ASP A 127 9.39 20.83 -4.45
N GLY A 128 8.58 20.99 -3.40
CA GLY A 128 9.06 20.70 -2.06
C GLY A 128 9.32 19.22 -1.86
N PHE A 129 8.49 18.36 -2.45
CA PHE A 129 8.74 16.93 -2.40
C PHE A 129 10.01 16.57 -3.16
N ALA A 130 10.24 17.22 -4.31
CA ALA A 130 11.42 16.91 -5.10
C ALA A 130 12.69 17.38 -4.42
N ALA A 131 12.68 18.60 -3.87
CA ALA A 131 13.87 19.12 -3.19
C ALA A 131 14.20 18.30 -1.96
N ALA A 132 13.17 17.89 -1.20
CA ALA A 132 13.42 17.05 -0.03
C ALA A 132 14.00 15.69 -0.44
N ALA A 133 13.60 15.17 -1.60
CA ALA A 133 14.17 13.92 -2.08
C ALA A 133 15.62 14.10 -2.49
N ASP A 134 15.92 15.18 -3.21
CA ASP A 134 17.31 15.45 -3.59
C ASP A 134 18.18 15.68 -2.37
N ALA A 135 17.66 16.41 -1.38
CA ALA A 135 18.43 16.69 -0.18
C ALA A 135 18.69 15.42 0.63
N LYS A 136 17.72 14.50 0.65
CA LYS A 136 17.91 13.25 1.39
C LYS A 136 18.96 12.37 0.72
N VAL A 137 18.91 12.27 -0.61
CA VAL A 137 19.92 11.47 -1.32
C VAL A 137 21.29 12.10 -1.16
N ASP A 138 21.37 13.43 -1.17
CA ASP A 138 22.64 14.11 -0.92
C ASP A 138 23.15 13.82 0.49
N GLU A 139 22.25 13.85 1.47
CA GLU A 139 22.66 13.55 2.85
C GLU A 139 23.13 12.12 2.99
N LEU A 140 22.49 11.18 2.29
CA LEU A 140 22.86 9.78 2.39
C LEU A 140 24.20 9.50 1.71
N LEU A 141 24.50 10.23 0.62
CA LEU A 141 25.77 10.06 -0.05
C LEU A 141 26.94 10.55 0.78
N GLN A 142 26.70 11.45 1.74
CA GLN A 142 27.75 11.85 2.66
C GLN A 142 28.08 10.76 3.67
N ARG A 143 27.15 9.85 3.95
N ARG A 143 27.15 9.85 3.94
CA ARG A 143 27.41 8.73 4.84
CA ARG A 143 27.41 8.72 4.84
C ARG A 143 27.90 7.49 4.10
C ARG A 143 27.90 7.49 4.10
N GLY A 144 27.42 7.26 2.88
CA GLY A 144 27.84 6.12 2.09
C GLY A 144 27.07 4.86 2.41
N CYS A 145 27.44 4.20 3.51
CA CYS A 145 26.80 2.96 3.95
C CYS A 145 25.60 3.33 4.82
N ILE A 146 24.39 3.16 4.28
CA ILE A 146 23.17 3.54 4.96
C ILE A 146 22.21 2.36 4.98
N ASP A 147 21.15 2.50 5.77
CA ASP A 147 20.05 1.55 5.79
C ASP A 147 18.93 2.13 4.92
N ALA A 148 18.73 1.53 3.75
CA ALA A 148 17.78 2.06 2.76
C ALA A 148 16.35 2.08 3.27
N ILE A 149 16.03 1.38 4.36
CA ILE A 149 14.69 1.41 4.91
C ILE A 149 14.57 2.61 5.85
N ALA A 150 15.30 2.57 6.96
CA ALA A 150 15.16 3.60 7.99
C ALA A 150 15.66 4.94 7.50
N ASP A 151 16.78 4.97 6.79
CA ASP A 151 17.42 6.22 6.39
C ASP A 151 16.92 6.74 5.05
N LEU A 152 16.05 6.00 4.36
CA LEU A 152 15.59 6.42 3.03
C LEU A 152 14.11 6.15 2.86
N ALA A 153 13.72 4.87 2.82
CA ALA A 153 12.32 4.52 2.58
C ALA A 153 11.42 5.02 3.69
N GLU A 154 11.93 5.10 4.93
CA GLU A 154 11.17 5.66 6.04
C GLU A 154 11.42 7.15 6.19
N ALA A 155 12.70 7.55 6.15
CA ALA A 155 13.05 8.93 6.47
C ALA A 155 12.45 9.92 5.48
N TYR A 156 12.47 9.60 4.18
CA TYR A 156 12.00 10.58 3.21
C TYR A 156 10.50 10.81 3.28
N PRO A 157 9.64 9.79 3.22
CA PRO A 157 8.20 10.06 3.39
C PRO A 157 7.87 10.70 4.73
N LEU A 158 8.60 10.37 5.78
CA LEU A 158 8.41 11.04 7.06
C LEU A 158 8.79 12.51 7.00
N SER A 159 9.61 12.91 6.02
CA SER A 159 10.05 14.29 5.90
C SER A 159 9.14 15.14 5.03
N VAL A 160 8.21 14.54 4.29
CA VAL A 160 7.32 15.27 3.41
C VAL A 160 5.85 15.07 3.77
N PHE A 161 5.44 13.84 4.08
CA PHE A 161 4.00 13.58 4.21
C PHE A 161 3.40 14.17 5.47
N PRO A 162 3.96 13.96 6.67
CA PRO A 162 3.35 14.58 7.86
C PRO A 162 3.22 16.09 7.76
N ASP A 163 4.21 16.77 7.16
CA ASP A 163 4.08 18.20 6.94
C ASP A 163 2.98 18.51 5.94
N ALA A 164 2.88 17.70 4.88
CA ALA A 164 1.83 17.91 3.88
C ALA A 164 0.45 17.67 4.46
N MET A 165 0.34 16.79 5.47
CA MET A 165 -0.93 16.61 6.16
C MET A 165 -1.29 17.83 7.00
N GLY A 166 -0.28 18.58 7.44
CA GLY A 166 -0.49 19.61 8.44
C GLY A 166 -0.30 19.12 9.85
N LEU A 167 0.52 18.09 10.06
CA LEU A 167 0.65 17.46 11.36
C LEU A 167 1.62 18.21 12.25
N LYS A 168 1.36 18.18 13.54
CA LYS A 168 2.25 18.70 14.56
C LYS A 168 3.51 17.84 14.66
N GLN A 169 4.59 18.43 15.19
CA GLN A 169 5.85 17.70 15.30
C GLN A 169 5.78 16.58 16.33
N GLU A 170 5.21 16.86 17.50
CA GLU A 170 5.21 15.87 18.58
C GLU A 170 4.24 14.73 18.26
N GLY A 171 4.66 13.52 18.59
CA GLY A 171 3.82 12.35 18.40
C GLY A 171 3.93 11.68 17.04
N ARG A 172 4.78 12.19 16.15
CA ARG A 172 4.92 11.57 14.84
C ARG A 172 5.48 10.15 14.93
N GLU A 173 6.13 9.80 16.05
CA GLU A 173 6.62 8.45 16.24
C GLU A 173 5.50 7.42 16.28
N HIS A 174 4.25 7.86 16.45
CA HIS A 174 3.11 6.96 16.45
C HIS A 174 2.61 6.61 15.05
N LEU A 175 3.06 7.33 14.02
CA LEU A 175 2.42 7.22 12.70
C LEU A 175 2.66 5.86 12.07
N LEU A 176 3.92 5.40 12.05
CA LEU A 176 4.22 4.11 11.44
C LEU A 176 3.69 2.95 12.27
N PRO A 177 3.84 2.96 13.61
CA PRO A 177 3.22 1.87 14.39
C PRO A 177 1.73 1.74 14.20
N TYR A 178 1.00 2.87 14.16
CA TYR A 178 -0.44 2.79 13.94
C TYR A 178 -0.76 2.21 12.57
N ALA A 179 0.03 2.56 11.55
CA ALA A 179 -0.20 2.04 10.22
C ALA A 179 0.07 0.54 10.14
N GLY A 180 1.14 0.08 10.80
CA GLY A 180 1.38 -1.35 10.87
C GLY A 180 0.29 -2.08 11.63
N LEU A 181 -0.25 -1.44 12.66
CA LEU A 181 -1.38 -2.00 13.39
C LEU A 181 -2.59 -2.18 12.48
N VAL A 182 -2.91 -1.17 11.68
CA VAL A 182 -4.07 -1.24 10.79
C VAL A 182 -3.91 -2.38 9.80
N ALA A 183 -2.75 -2.45 9.13
CA ALA A 183 -2.54 -3.51 8.15
C ALA A 183 -2.57 -4.89 8.78
N ASN A 184 -2.11 -5.01 10.03
CA ASN A 184 -2.13 -6.30 10.70
C ASN A 184 -3.54 -6.69 11.11
N ALA A 185 -4.39 -5.71 11.43
CA ALA A 185 -5.76 -6.01 11.86
C ALA A 185 -6.63 -6.49 10.71
N PHE A 186 -6.20 -6.29 9.47
CA PHE A 186 -6.90 -6.91 8.34
C PHE A 186 -6.77 -8.43 8.38
N GLY A 187 -5.70 -8.95 8.97
CA GLY A 187 -5.40 -10.36 8.91
C GLY A 187 -6.29 -11.18 9.82
N PRO A 188 -6.04 -12.48 9.83
CA PRO A 188 -6.77 -13.38 10.72
C PRO A 188 -6.36 -13.16 12.16
N PRO A 189 -7.09 -13.73 13.12
CA PRO A 189 -6.66 -13.60 14.53
C PRO A 189 -5.48 -14.50 14.86
N ASN A 190 -4.33 -14.21 14.25
CA ASN A 190 -3.08 -14.85 14.60
C ASN A 190 -2.30 -13.97 15.57
N GLU A 191 -1.10 -14.41 15.94
CA GLU A 191 -0.33 -13.68 16.94
C GLU A 191 0.08 -12.30 16.45
N LEU A 192 0.32 -12.14 15.15
CA LEU A 192 0.62 -10.83 14.60
C LEU A 192 -0.50 -9.84 14.89
N ARG A 193 -1.74 -10.23 14.59
CA ARG A 193 -2.88 -9.34 14.80
C ARG A 193 -3.13 -9.14 16.29
N GLN A 194 -3.11 -10.23 17.07
CA GLN A 194 -3.40 -10.14 18.49
C GLN A 194 -2.40 -9.21 19.18
N THR A 195 -1.12 -9.35 18.86
CA THR A 195 -0.10 -8.53 19.50
C THR A 195 -0.22 -7.07 19.07
N ALA A 196 -0.53 -6.82 17.80
CA ALA A 196 -0.68 -5.44 17.32
C ALA A 196 -1.81 -4.72 18.04
N ILE A 197 -2.99 -5.35 18.09
CA ILE A 197 -4.11 -4.76 18.81
C ILE A 197 -3.78 -4.61 20.29
N GLU A 198 -2.95 -5.51 20.83
CA GLU A 198 -2.57 -5.44 22.24
C GLU A 198 -1.84 -4.13 22.55
N ARG A 199 -0.92 -3.72 21.68
CA ARG A 199 -0.12 -2.53 21.89
C ARG A 199 -0.71 -1.29 21.20
N SER A 200 -2.02 -1.28 20.96
CA SER A 200 -2.60 -0.29 20.05
C SER A 200 -2.97 1.03 20.71
N ALA A 201 -3.44 0.99 21.97
CA ALA A 201 -4.12 2.13 22.57
C ALA A 201 -3.41 3.46 22.41
N PRO A 202 -2.10 3.59 22.66
CA PRO A 202 -1.48 4.92 22.48
C PRO A 202 -1.46 5.39 21.04
N HIS A 203 -1.21 4.47 20.10
CA HIS A 203 -1.22 4.86 18.68
C HIS A 203 -2.61 5.32 18.24
N GLN A 204 -3.66 4.63 18.70
CA GLN A 204 -5.02 5.06 18.39
C GLN A 204 -5.29 6.46 18.94
N ALA A 205 -4.92 6.69 20.21
CA ALA A 205 -5.23 7.96 20.86
C ALA A 205 -4.54 9.13 20.16
N TYR A 206 -3.29 8.93 19.74
CA TYR A 206 -2.60 9.98 18.99
C TYR A 206 -3.32 10.26 17.68
N VAL A 207 -3.54 9.21 16.88
CA VAL A 207 -4.09 9.40 15.54
C VAL A 207 -5.46 10.06 15.60
N ASN A 208 -6.34 9.54 16.45
CA ASN A 208 -7.69 10.09 16.54
C ASN A 208 -7.67 11.55 17.00
N GLU A 209 -6.69 11.93 17.83
CA GLU A 209 -6.63 13.31 18.30
C GLU A 209 -6.16 14.26 17.21
N GLN A 210 -5.19 13.82 16.39
CA GLN A 210 -4.72 14.65 15.28
C GLN A 210 -5.76 14.80 14.18
N CYS A 211 -6.82 13.99 14.20
CA CYS A 211 -7.89 14.10 13.21
C CYS A 211 -8.83 15.27 13.47
N GLN A 212 -8.78 15.87 14.66
CA GLN A 212 -9.65 17.00 14.96
C GLN A 212 -9.15 18.26 14.28
N ARG A 213 -10.10 19.09 13.85
CA ARG A 213 -9.76 20.27 13.04
C ARG A 213 -8.73 21.20 13.67
N PRO A 214 -8.75 21.51 14.97
CA PRO A 214 -7.75 22.46 15.50
C PRO A 214 -6.32 21.99 15.38
N ASN A 215 -6.07 20.70 15.22
CA ASN A 215 -4.71 20.15 15.23
C ASN A 215 -4.13 19.97 13.84
N LEU A 216 -4.79 20.47 12.80
CA LEU A 216 -4.33 20.31 11.43
C LEU A 216 -3.98 21.69 10.85
N ALA A 217 -2.71 21.89 10.56
CA ALA A 217 -2.21 23.19 10.13
C ALA A 217 -2.88 23.61 8.82
N PRO A 218 -3.04 24.92 8.60
CA PRO A 218 -3.74 25.38 7.40
C PRO A 218 -2.96 25.07 6.13
N GLY A 219 -3.71 24.79 5.06
CA GLY A 219 -3.14 24.43 3.79
C GLY A 219 -2.94 22.94 3.58
N GLY A 220 -2.69 22.19 4.65
CA GLY A 220 -2.41 20.78 4.54
C GLY A 220 -3.62 19.96 4.14
N PHE A 221 -3.39 18.66 3.98
CA PHE A 221 -4.45 17.75 3.56
C PHE A 221 -5.57 17.69 4.60
N GLY A 222 -5.20 17.62 5.88
CA GLY A 222 -6.21 17.47 6.91
C GLY A 222 -7.14 18.66 7.02
N ALA A 223 -6.56 19.87 7.04
CA ALA A 223 -7.38 21.07 7.07
C ALA A 223 -8.25 21.19 5.82
N CYS A 224 -7.75 20.70 4.68
CA CYS A 224 -8.56 20.74 3.46
CA CYS A 224 -8.56 20.74 3.46
C CYS A 224 -9.75 19.79 3.54
N ILE A 225 -9.60 18.67 4.24
CA ILE A 225 -10.72 17.75 4.42
C ILE A 225 -11.80 18.41 5.27
N HIS A 226 -11.39 19.02 6.39
CA HIS A 226 -12.35 19.72 7.25
C HIS A 226 -13.00 20.89 6.53
N ALA A 227 -12.30 21.51 5.57
CA ALA A 227 -12.88 22.61 4.81
C ALA A 227 -13.92 22.13 3.80
N PHE A 228 -13.89 20.85 3.43
CA PHE A 228 -14.82 20.30 2.46
C PHE A 228 -16.13 19.82 3.10
N THR A 229 -16.40 20.23 4.33
CA THR A 229 -17.56 19.73 5.07
C THR A 229 -18.82 20.56 4.87
N ASP A 230 -18.77 21.60 4.03
CA ASP A 230 -19.94 22.45 3.80
C ASP A 230 -20.51 22.32 2.40
N THR A 231 -19.93 21.48 1.55
CA THR A 231 -20.36 21.38 0.15
C THR A 231 -21.54 20.44 -0.04
N GLY A 232 -21.98 19.75 1.01
CA GLY A 232 -23.01 18.74 0.88
C GLY A 232 -22.48 17.35 0.57
N GLU A 233 -21.16 17.19 0.53
CA GLU A 233 -20.57 15.88 0.26
C GLU A 233 -20.26 15.12 1.54
N ILE A 234 -19.63 15.79 2.52
CA ILE A 234 -19.43 15.21 3.84
C ILE A 234 -19.84 16.24 4.89
N THR A 235 -20.18 15.74 6.08
CA THR A 235 -20.54 16.56 7.21
C THR A 235 -19.33 16.76 8.11
N PRO A 236 -19.36 17.78 8.98
CA PRO A 236 -18.22 18.01 9.88
C PRO A 236 -17.85 16.81 10.73
N ASP A 237 -18.82 16.00 11.13
CA ASP A 237 -18.53 14.82 11.94
C ASP A 237 -17.94 13.67 11.13
N GLU A 238 -17.96 13.76 9.80
CA GLU A 238 -17.28 12.78 8.96
C GLU A 238 -15.82 13.14 8.69
N ALA A 239 -15.45 14.41 8.87
CA ALA A 239 -14.09 14.84 8.55
C ALA A 239 -13.02 14.14 9.37
N PRO A 240 -13.16 13.94 10.69
CA PRO A 240 -12.06 13.30 11.44
C PRO A 240 -11.70 11.92 10.93
N LEU A 241 -12.69 11.10 10.57
CA LEU A 241 -12.38 9.75 10.11
C LEU A 241 -11.78 9.75 8.71
N LEU A 242 -12.16 10.71 7.87
CA LEU A 242 -11.51 10.82 6.55
C LEU A 242 -10.06 11.24 6.71
N VAL A 243 -9.76 12.09 7.69
CA VAL A 243 -8.38 12.35 8.05
C VAL A 243 -7.70 11.08 8.54
N ARG A 244 -8.40 10.31 9.37
CA ARG A 244 -7.85 9.04 9.86
C ARG A 244 -7.47 8.13 8.71
N SER A 245 -8.24 8.15 7.63
CA SER A 245 -7.93 7.33 6.47
C SER A 245 -6.56 7.69 5.90
N LEU A 246 -6.28 8.99 5.78
CA LEU A 246 -4.97 9.41 5.26
C LEU A 246 -3.86 9.12 6.24
N LEU A 247 -4.13 9.19 7.55
CA LEU A 247 -3.14 8.84 8.55
C LEU A 247 -2.97 7.33 8.68
N SER A 248 -3.94 6.55 8.20
CA SER A 248 -3.80 5.10 8.21
C SER A 248 -3.04 4.60 6.99
N ALA A 249 -3.25 5.24 5.84
CA ALA A 249 -2.78 4.71 4.57
C ALA A 249 -1.70 5.55 3.91
N GLY A 250 -1.43 6.76 4.40
CA GLY A 250 -0.60 7.69 3.65
C GLY A 250 0.90 7.55 3.80
N LEU A 251 1.38 6.68 4.69
CA LEU A 251 2.81 6.58 4.96
C LEU A 251 3.35 5.17 4.75
N ASP A 252 2.69 4.14 5.30
CA ASP A 252 3.29 2.82 5.38
C ASP A 252 3.51 2.20 4.00
N THR A 253 2.49 2.26 3.14
CA THR A 253 2.63 1.66 1.81
C THR A 253 3.66 2.39 0.97
N THR A 254 3.78 3.71 1.14
CA THR A 254 4.80 4.47 0.42
C THR A 254 6.19 4.04 0.86
N VAL A 255 6.38 3.85 2.17
CA VAL A 255 7.67 3.40 2.68
C VAL A 255 8.04 2.06 2.06
N ASN A 256 7.12 1.10 2.09
CA ASN A 256 7.39 -0.20 1.50
C ASN A 256 7.58 -0.11 -0.01
N GLY A 257 6.89 0.83 -0.66
CA GLY A 257 7.04 0.97 -2.09
C GLY A 257 8.41 1.52 -2.48
N ILE A 258 8.83 2.60 -1.82
CA ILE A 258 10.15 3.16 -2.08
C ILE A 258 11.23 2.17 -1.64
N GLY A 259 11.00 1.46 -0.54
CA GLY A 259 11.92 0.41 -0.15
C GLY A 259 11.99 -0.71 -1.17
N ALA A 260 10.86 -1.00 -1.81
CA ALA A 260 10.84 -2.02 -2.86
C ALA A 260 11.66 -1.58 -4.06
N ALA A 261 11.54 -0.30 -4.45
CA ALA A 261 12.26 0.19 -5.63
C ALA A 261 13.76 0.16 -5.41
N VAL A 262 14.22 0.60 -4.25
CA VAL A 262 15.65 0.53 -3.94
C VAL A 262 16.11 -0.92 -3.93
N TYR A 263 15.33 -1.80 -3.28
CA TYR A 263 15.62 -3.22 -3.30
C TYR A 263 15.75 -3.75 -4.72
N CYS A 264 14.78 -3.42 -5.57
CA CYS A 264 14.82 -3.87 -6.97
C CYS A 264 16.03 -3.31 -7.69
N LEU A 265 16.27 -2.00 -7.56
CA LEU A 265 17.45 -1.40 -8.19
C LEU A 265 18.74 -1.98 -7.61
N ALA A 266 18.71 -2.43 -6.35
CA ALA A 266 19.92 -3.01 -5.77
C ALA A 266 20.16 -4.42 -6.29
N ARG A 267 19.11 -5.19 -6.54
CA ARG A 267 19.25 -6.55 -7.02
C ARG A 267 19.42 -6.64 -8.53
N PHE A 268 18.95 -5.63 -9.28
CA PHE A 268 19.00 -5.63 -10.73
C PHE A 268 19.83 -4.42 -11.19
N PRO A 269 21.15 -4.53 -11.13
CA PRO A 269 22.00 -3.38 -11.51
C PRO A 269 21.82 -2.93 -12.94
N GLY A 270 21.35 -3.81 -13.83
CA GLY A 270 21.11 -3.40 -15.21
C GLY A 270 20.01 -2.36 -15.31
N GLU A 271 18.97 -2.49 -14.48
CA GLU A 271 17.89 -1.51 -14.50
C GLU A 271 18.30 -0.19 -13.87
N LEU A 272 19.16 -0.22 -12.86
CA LEU A 272 19.69 1.02 -12.31
C LEU A 272 20.50 1.78 -13.36
N GLN A 273 21.29 1.04 -14.16
CA GLN A 273 22.06 1.69 -15.22
CA GLN A 273 22.07 1.69 -15.21
C GLN A 273 21.15 2.27 -16.29
N ARG A 274 20.05 1.58 -16.59
N ARG A 274 20.05 1.58 -16.59
CA ARG A 274 19.08 2.13 -17.54
CA ARG A 274 19.08 2.13 -17.54
C ARG A 274 18.39 3.36 -16.96
C ARG A 274 18.39 3.35 -16.96
N LEU A 275 18.08 3.33 -15.66
CA LEU A 275 17.40 4.46 -15.04
C LEU A 275 18.32 5.69 -14.98
N ARG A 276 19.60 5.49 -14.71
CA ARG A 276 20.56 6.60 -14.72
C ARG A 276 20.60 7.25 -16.10
N SER A 277 20.61 6.43 -17.16
CA SER A 277 20.76 6.96 -18.51
C SER A 277 19.53 7.76 -18.95
N ASP A 278 18.36 7.43 -18.41
CA ASP A 278 17.14 8.18 -18.70
C ASP A 278 16.36 8.34 -17.40
N PRO A 279 16.52 9.47 -16.71
CA PRO A 279 15.81 9.66 -15.44
C PRO A 279 14.31 9.82 -15.59
N THR A 280 13.81 10.10 -16.79
CA THR A 280 12.36 10.17 -16.98
C THR A 280 11.69 8.82 -16.76
N LEU A 281 12.46 7.73 -16.79
CA LEU A 281 11.94 6.41 -16.46
C LEU A 281 11.65 6.24 -14.97
N ALA A 282 11.93 7.25 -14.15
CA ALA A 282 11.79 7.11 -12.70
C ALA A 282 10.35 6.80 -12.30
N ARG A 283 9.38 7.40 -12.99
CA ARG A 283 7.98 7.18 -12.60
C ARG A 283 7.55 5.75 -12.90
N ASN A 284 7.89 5.23 -14.08
CA ASN A 284 7.57 3.85 -14.38
C ASN A 284 8.42 2.88 -13.58
N ALA A 285 9.65 3.28 -13.23
CA ALA A 285 10.49 2.44 -12.39
C ALA A 285 9.83 2.21 -11.03
N PHE A 286 9.19 3.24 -10.49
CA PHE A 286 8.46 3.07 -9.24
C PHE A 286 7.19 2.24 -9.45
N GLU A 287 6.49 2.48 -10.56
CA GLU A 287 5.28 1.72 -10.84
C GLU A 287 5.57 0.23 -10.99
N GLU A 288 6.68 -0.12 -11.66
CA GLU A 288 7.04 -1.52 -11.82
C GLU A 288 7.43 -2.15 -10.49
N ALA A 289 8.08 -1.37 -9.61
CA ALA A 289 8.39 -1.86 -8.28
C ALA A 289 7.11 -2.16 -7.49
N VAL A 290 6.07 -1.34 -7.67
CA VAL A 290 4.79 -1.60 -7.03
C VAL A 290 4.18 -2.89 -7.57
N ARG A 291 4.34 -3.15 -8.87
CA ARG A 291 3.86 -4.42 -9.41
C ARG A 291 4.76 -5.57 -8.93
N PHE A 292 6.07 -5.35 -8.92
CA PHE A 292 7.00 -6.45 -8.65
C PHE A 292 6.92 -6.91 -7.21
N GLU A 293 6.82 -5.98 -6.25
CA GLU A 293 6.79 -6.34 -4.84
C GLU A 293 5.41 -6.24 -4.22
N SER A 294 4.53 -5.40 -4.76
CA SER A 294 3.16 -5.21 -4.29
C SER A 294 3.12 -4.99 -2.78
N PRO A 295 3.36 -3.76 -2.33
CA PRO A 295 3.32 -3.48 -0.88
C PRO A 295 2.05 -3.96 -0.22
N VAL A 296 0.91 -3.90 -0.90
CA VAL A 296 -0.33 -4.48 -0.41
C VAL A 296 -0.50 -5.84 -1.07
N GLN A 297 -0.29 -6.90 -0.29
CA GLN A 297 -0.28 -8.25 -0.87
C GLN A 297 -1.69 -8.79 -1.07
N THR A 298 -2.57 -8.62 -0.08
CA THR A 298 -3.86 -9.29 -0.06
C THR A 298 -4.93 -8.35 0.45
N PHE A 299 -6.17 -8.62 0.02
CA PHE A 299 -7.34 -7.93 0.54
C PHE A 299 -8.55 -8.85 0.42
N PHE A 300 -9.53 -8.62 1.27
CA PHE A 300 -10.74 -9.42 1.29
C PHE A 300 -11.91 -8.66 0.68
N ARG A 301 -12.88 -9.43 0.21
CA ARG A 301 -14.21 -8.95 -0.09
C ARG A 301 -15.22 -9.93 0.52
N THR A 302 -16.45 -9.47 0.69
CA THR A 302 -17.53 -10.31 1.18
C THR A 302 -18.64 -10.36 0.13
N THR A 303 -19.07 -11.57 -0.20
CA THR A 303 -20.13 -11.74 -1.19
C THR A 303 -21.48 -11.31 -0.60
N THR A 304 -22.18 -10.42 -1.31
CA THR A 304 -23.51 -10.01 -0.89
C THR A 304 -24.61 -10.94 -1.40
N ARG A 305 -24.29 -11.79 -2.37
CA ARG A 305 -25.25 -12.72 -2.96
C ARG A 305 -24.52 -13.97 -3.38
N GLU A 306 -25.28 -14.98 -3.76
CA GLU A 306 -24.69 -16.14 -4.43
C GLU A 306 -24.17 -15.70 -5.79
N VAL A 307 -22.95 -16.13 -6.11
CA VAL A 307 -22.27 -15.67 -7.32
C VAL A 307 -21.48 -16.83 -7.92
N GLU A 308 -21.38 -16.82 -9.25
CA GLU A 308 -20.56 -17.77 -9.99
C GLU A 308 -19.26 -17.07 -10.39
N LEU A 309 -18.14 -17.63 -9.95
CA LEU A 309 -16.82 -17.05 -10.24
C LEU A 309 -15.89 -18.17 -10.67
N GLY A 310 -15.49 -18.16 -11.95
CA GLY A 310 -14.59 -19.15 -12.49
C GLY A 310 -15.08 -20.57 -12.33
N GLY A 311 -16.35 -20.82 -12.67
CA GLY A 311 -16.93 -22.14 -12.52
C GLY A 311 -17.29 -22.52 -11.10
N ALA A 312 -17.06 -21.65 -10.13
CA ALA A 312 -17.36 -21.92 -8.73
C ALA A 312 -18.60 -21.14 -8.31
N VAL A 313 -19.45 -21.78 -7.51
CA VAL A 313 -20.63 -21.12 -6.93
C VAL A 313 -20.29 -20.74 -5.50
N ILE A 314 -20.28 -19.44 -5.23
CA ILE A 314 -19.93 -18.90 -3.92
C ILE A 314 -21.19 -18.35 -3.28
N GLY A 315 -21.53 -18.87 -2.11
CA GLY A 315 -22.73 -18.45 -1.43
C GLY A 315 -22.63 -17.04 -0.87
N GLU A 316 -23.75 -16.58 -0.33
CA GLU A 316 -23.81 -15.26 0.29
C GLU A 316 -22.99 -15.25 1.57
N GLY A 317 -22.43 -14.08 1.88
CA GLY A 317 -21.72 -13.91 3.13
C GLY A 317 -20.42 -14.66 3.24
N GLU A 318 -19.73 -14.89 2.13
CA GLU A 318 -18.46 -15.58 2.12
C GLU A 318 -17.32 -14.58 1.93
N LYS A 319 -16.25 -14.78 2.68
CA LYS A 319 -15.06 -13.95 2.54
C LYS A 319 -14.23 -14.44 1.35
N VAL A 320 -13.84 -13.50 0.50
CA VAL A 320 -13.07 -13.80 -0.71
C VAL A 320 -11.74 -13.07 -0.60
N LEU A 321 -10.64 -13.82 -0.58
CA LEU A 321 -9.31 -13.28 -0.42
C LEU A 321 -8.66 -13.12 -1.79
N MET A 322 -8.32 -11.89 -2.15
CA MET A 322 -7.65 -11.59 -3.40
C MET A 322 -6.15 -11.48 -3.16
N PHE A 323 -5.37 -12.16 -3.99
CA PHE A 323 -3.90 -12.13 -3.92
C PHE A 323 -3.41 -11.11 -4.95
N LEU A 324 -3.30 -9.85 -4.52
CA LEU A 324 -2.89 -8.78 -5.43
C LEU A 324 -1.48 -9.01 -5.94
N GLY A 325 -0.56 -9.36 -5.04
CA GLY A 325 0.82 -9.60 -5.45
C GLY A 325 0.94 -10.78 -6.39
N SER A 326 0.14 -11.82 -6.17
CA SER A 326 0.13 -12.95 -7.09
C SER A 326 -0.46 -12.56 -8.44
N ALA A 327 -1.50 -11.72 -8.43
CA ALA A 327 -2.09 -11.26 -9.68
C ALA A 327 -1.11 -10.41 -10.48
N ASN A 328 -0.21 -9.71 -9.79
CA ASN A 328 0.82 -8.91 -10.47
C ASN A 328 1.98 -9.74 -10.98
N ARG A 329 1.99 -11.05 -10.68
CA ARG A 329 3.01 -11.95 -11.21
C ARG A 329 2.40 -13.12 -11.96
N ASP A 330 1.13 -13.03 -12.33
CA ASP A 330 0.45 -14.09 -13.06
C ASP A 330 0.99 -14.15 -14.49
N PRO A 331 1.63 -15.25 -14.91
CA PRO A 331 2.12 -15.34 -16.29
C PRO A 331 1.02 -15.41 -17.33
N ARG A 332 -0.23 -15.66 -16.92
CA ARG A 332 -1.35 -15.56 -17.85
C ARG A 332 -1.59 -14.12 -18.30
N ARG A 333 -1.07 -13.15 -17.55
CA ARG A 333 -1.26 -11.73 -17.85
C ARG A 333 0.04 -11.01 -18.17
N TRP A 334 1.14 -11.40 -17.53
CA TRP A 334 2.40 -10.67 -17.64
C TRP A 334 3.45 -11.54 -18.32
N SER A 335 4.19 -10.94 -19.25
CA SER A 335 5.34 -11.58 -19.85
C SER A 335 6.55 -11.40 -18.93
N ASP A 336 7.22 -12.50 -18.60
CA ASP A 336 8.32 -12.51 -17.63
C ASP A 336 7.92 -11.78 -16.35
N PRO A 337 6.91 -12.28 -15.63
CA PRO A 337 6.40 -11.52 -14.47
C PRO A 337 7.41 -11.39 -13.35
N ASP A 338 8.36 -12.32 -13.23
CA ASP A 338 9.31 -12.35 -12.14
C ASP A 338 10.55 -11.51 -12.41
N LEU A 339 10.54 -10.69 -13.46
CA LEU A 339 11.66 -9.83 -13.79
C LEU A 339 11.28 -8.37 -13.57
N TYR A 340 12.23 -7.60 -13.03
CA TYR A 340 12.05 -6.17 -12.81
C TYR A 340 12.46 -5.44 -14.09
N ASP A 341 11.49 -4.84 -14.77
CA ASP A 341 11.72 -4.17 -16.05
C ASP A 341 11.12 -2.77 -15.97
N ILE A 342 11.98 -1.75 -15.88
CA ILE A 342 11.50 -0.38 -15.68
C ILE A 342 10.85 0.22 -16.92
N THR A 343 10.90 -0.46 -18.06
CA THR A 343 10.20 0.00 -19.26
C THR A 343 8.97 -0.85 -19.58
N ARG A 344 8.56 -1.72 -18.66
CA ARG A 344 7.37 -2.54 -18.87
C ARG A 344 6.11 -1.68 -18.93
N LYS A 345 5.16 -2.10 -19.75
CA LYS A 345 3.83 -1.49 -19.78
C LYS A 345 3.08 -1.98 -18.55
N THR A 346 3.16 -1.20 -17.48
CA THR A 346 2.63 -1.59 -16.18
C THR A 346 1.15 -1.29 -16.01
N SER A 347 0.52 -0.64 -16.98
CA SER A 347 -0.91 -0.32 -16.86
C SER A 347 -1.73 -1.59 -16.72
N GLY A 348 -2.59 -1.63 -15.71
CA GLY A 348 -3.43 -2.77 -15.45
C GLY A 348 -3.07 -3.54 -14.19
N HIS A 349 -1.88 -3.31 -13.64
CA HIS A 349 -1.50 -3.99 -12.41
C HIS A 349 -2.40 -3.55 -11.26
N VAL A 350 -2.62 -4.46 -10.31
CA VAL A 350 -3.55 -4.23 -9.22
C VAL A 350 -2.81 -3.88 -7.92
N GLY A 351 -1.58 -3.39 -8.01
CA GLY A 351 -0.88 -2.95 -6.82
C GLY A 351 -1.56 -1.80 -6.12
N PHE A 352 -2.31 -0.99 -6.87
CA PHE A 352 -3.11 0.09 -6.31
C PHE A 352 -4.60 -0.25 -6.29
N GLY A 353 -4.95 -1.51 -6.54
CA GLY A 353 -6.34 -1.89 -6.63
C GLY A 353 -6.88 -1.67 -8.04
N SER A 354 -8.21 -1.71 -8.14
CA SER A 354 -8.88 -1.53 -9.40
C SER A 354 -10.36 -1.24 -9.13
N GLY A 355 -10.93 -0.34 -9.92
CA GLY A 355 -12.34 -0.01 -9.77
C GLY A 355 -12.61 1.14 -8.82
N VAL A 356 -13.75 1.07 -8.13
CA VAL A 356 -14.23 2.22 -7.36
C VAL A 356 -13.33 2.51 -6.17
N HIS A 357 -12.64 1.51 -5.65
CA HIS A 357 -11.78 1.68 -4.48
C HIS A 357 -10.31 1.86 -4.83
N MET A 358 -9.98 1.95 -6.11
CA MET A 358 -8.58 2.08 -6.51
C MET A 358 -7.96 3.29 -5.82
N CYS A 359 -6.74 3.09 -5.30
CA CYS A 359 -6.08 4.00 -4.35
C CYS A 359 -6.33 5.46 -4.68
N VAL A 360 -6.96 6.17 -3.75
CA VAL A 360 -7.24 7.59 -3.93
C VAL A 360 -6.00 8.46 -3.67
N GLY A 361 -5.00 7.93 -2.99
CA GLY A 361 -3.79 8.68 -2.72
C GLY A 361 -2.61 8.23 -3.58
N GLN A 362 -2.91 7.60 -4.72
CA GLN A 362 -1.84 7.10 -5.58
C GLN A 362 -1.04 8.24 -6.21
N LEU A 363 -1.66 9.41 -6.38
CA LEU A 363 -0.91 10.54 -6.91
C LEU A 363 0.16 11.01 -5.93
N VAL A 364 -0.09 10.87 -4.63
CA VAL A 364 0.92 11.20 -3.63
C VAL A 364 2.03 10.16 -3.63
N ALA A 365 1.64 8.87 -3.63
CA ALA A 365 2.62 7.80 -3.60
C ALA A 365 3.52 7.83 -4.84
N ARG A 366 2.91 8.02 -6.01
CA ARG A 366 3.69 8.08 -7.25
C ARG A 366 4.59 9.31 -7.29
N LEU A 367 4.13 10.43 -6.73
CA LEU A 367 4.96 11.63 -6.70
C LEU A 367 6.19 11.43 -5.81
N GLU A 368 5.97 10.87 -4.61
CA GLU A 368 7.10 10.58 -3.72
C GLU A 368 8.04 9.56 -4.35
N GLY A 369 7.48 8.50 -4.95
CA GLY A 369 8.32 7.48 -5.55
C GLY A 369 9.09 7.99 -6.76
N GLU A 370 8.45 8.81 -7.59
CA GLU A 370 9.12 9.35 -8.77
C GLU A 370 10.28 10.26 -8.37
N VAL A 371 10.01 11.25 -7.52
CA VAL A 371 11.04 12.23 -7.18
C VAL A 371 12.18 11.58 -6.40
N MET A 372 11.91 10.47 -5.70
CA MET A 372 13.00 9.78 -5.00
C MET A 372 13.87 9.02 -6.00
N LEU A 373 13.26 8.22 -6.87
CA LEU A 373 14.03 7.52 -7.89
C LEU A 373 14.70 8.49 -8.85
N SER A 374 14.07 9.64 -9.10
CA SER A 374 14.71 10.68 -9.90
C SER A 374 15.99 11.15 -9.25
N ALA A 375 15.95 11.39 -7.94
CA ALA A 375 17.15 11.81 -7.21
C ALA A 375 18.22 10.72 -7.26
N LEU A 376 17.83 9.46 -7.09
CA LEU A 376 18.79 8.38 -7.18
C LEU A 376 19.36 8.26 -8.59
N ALA A 377 18.52 8.44 -9.62
CA ALA A 377 18.98 8.30 -10.98
C ALA A 377 20.04 9.34 -11.34
N ARG A 378 19.93 10.54 -10.77
CA ARG A 378 20.82 11.63 -11.12
C ARG A 378 22.06 11.70 -10.22
N LYS A 379 22.00 11.14 -9.01
CA LYS A 379 23.07 11.34 -8.03
C LYS A 379 23.84 10.07 -7.68
N VAL A 380 23.30 8.89 -7.97
CA VAL A 380 23.88 7.63 -7.51
C VAL A 380 24.39 6.85 -8.71
N ALA A 381 25.60 6.29 -8.57
CA ALA A 381 26.18 5.43 -9.60
C ALA A 381 25.92 3.96 -9.34
N ALA A 382 25.95 3.54 -8.08
CA ALA A 382 25.76 2.14 -7.75
C ALA A 382 25.04 2.02 -6.40
N ILE A 383 24.27 0.95 -6.26
CA ILE A 383 23.63 0.58 -5.00
C ILE A 383 23.96 -0.88 -4.75
N ASP A 384 24.83 -1.14 -3.77
CA ASP A 384 25.29 -2.49 -3.46
C ASP A 384 24.82 -2.88 -2.07
N ILE A 385 24.15 -4.03 -1.97
CA ILE A 385 23.79 -4.59 -0.67
C ILE A 385 25.07 -5.01 0.04
N ASP A 386 25.30 -4.45 1.23
CA ASP A 386 26.51 -4.73 1.99
C ASP A 386 26.21 -5.16 3.42
N GLY A 387 25.07 -5.81 3.62
CA GLY A 387 24.67 -6.25 4.94
C GLY A 387 23.49 -7.18 4.92
N PRO A 388 23.19 -7.79 6.07
CA PRO A 388 22.07 -8.73 6.13
C PRO A 388 20.75 -8.03 5.88
N VAL A 389 19.99 -8.56 4.93
CA VAL A 389 18.67 -8.02 4.58
C VAL A 389 17.64 -8.66 5.51
N LYS A 390 16.82 -7.82 6.15
CA LYS A 390 15.83 -8.28 7.11
C LYS A 390 14.43 -7.93 6.60
N ARG A 391 13.55 -8.93 6.59
CA ARG A 391 12.19 -8.77 6.10
C ARG A 391 11.26 -8.35 7.23
N ARG A 392 10.31 -7.49 6.92
CA ARG A 392 9.29 -7.06 7.86
C ARG A 392 8.03 -7.89 7.61
N PHE A 393 7.53 -8.53 8.66
CA PHE A 393 6.39 -9.45 8.54
C PHE A 393 5.12 -8.75 8.97
N ASN A 394 4.11 -8.79 8.10
CA ASN A 394 2.83 -8.12 8.35
C ASN A 394 1.74 -8.92 7.68
N ASN A 395 0.56 -8.95 8.30
CA ASN A 395 -0.55 -9.74 7.79
C ASN A 395 -1.01 -9.29 6.41
N THR A 396 -0.78 -8.04 6.04
CA THR A 396 -1.26 -7.48 4.79
C THR A 396 -0.17 -6.93 3.88
N LEU A 397 0.91 -6.41 4.45
CA LEU A 397 1.91 -5.70 3.65
C LEU A 397 3.18 -6.52 3.48
N ARG A 398 3.79 -6.37 2.31
CA ARG A 398 5.12 -6.90 2.03
C ARG A 398 6.12 -5.76 2.04
N GLY A 399 7.21 -5.94 2.77
CA GLY A 399 8.21 -4.90 2.89
C GLY A 399 9.37 -5.40 3.70
N LEU A 400 10.43 -4.59 3.72
CA LEU A 400 11.66 -4.94 4.42
C LEU A 400 11.78 -4.20 5.74
N GLU A 401 12.41 -4.86 6.71
CA GLU A 401 12.73 -4.19 7.96
C GLU A 401 14.04 -3.42 7.87
N SER A 402 15.01 -3.95 7.13
CA SER A 402 16.31 -3.33 6.99
C SER A 402 16.92 -3.71 5.65
N LEU A 403 17.56 -2.73 5.00
CA LEU A 403 18.21 -2.94 3.71
C LEU A 403 19.54 -2.18 3.73
N PRO A 404 20.60 -2.80 4.27
CA PRO A 404 21.90 -2.14 4.30
C PRO A 404 22.50 -2.06 2.90
N VAL A 405 22.75 -0.84 2.43
CA VAL A 405 23.32 -0.63 1.10
C VAL A 405 24.47 0.37 1.22
N LYS A 406 25.42 0.24 0.30
CA LYS A 406 26.43 1.25 0.07
C LYS A 406 26.06 2.03 -1.19
N LEU A 407 25.97 3.35 -1.07
CA LEU A 407 25.63 4.21 -2.20
C LEU A 407 26.89 4.81 -2.77
N THR A 408 27.14 4.57 -4.06
CA THR A 408 28.29 5.14 -4.74
C THR A 408 27.86 6.40 -5.47
N PRO A 409 28.45 7.55 -5.19
CA PRO A 409 28.00 8.80 -5.83
C PRO A 409 28.34 8.82 -7.32
N ALA A 410 27.45 9.43 -8.09
CA ALA A 410 27.61 9.53 -9.53
C ALA A 410 28.81 10.40 -9.91
CHA HEM B . -6.83 2.27 -1.36
CHB HEM B . -2.41 0.45 -2.21
CHC HEM B . -0.50 4.78 -1.15
CHD HEM B . -4.78 6.20 0.65
C1A HEM B . -5.81 1.41 -1.75
C2A HEM B . -5.97 0.09 -2.33
C3A HEM B . -4.76 -0.40 -2.57
C4A HEM B . -3.78 0.58 -2.13
CMA HEM B . -4.44 -1.78 -3.18
CAA HEM B . -7.31 -0.63 -2.65
CBA HEM B . -7.97 -1.16 -1.38
CGA HEM B . -9.21 -1.92 -1.77
O1A HEM B . -9.97 -2.34 -0.87
O2A HEM B . -9.43 -2.08 -3.00
C1B HEM B . -1.50 1.48 -2.06
C2B HEM B . -0.08 1.44 -2.39
C3B HEM B . 0.44 2.65 -2.09
C4B HEM B . -0.63 3.48 -1.57
CMB HEM B . 0.63 0.19 -2.98
CAB HEM B . 1.90 3.17 -2.24
CBB HEM B . 2.90 2.51 -2.85
C1C HEM B . -1.49 5.55 -0.57
C2C HEM B . -1.35 6.93 -0.14
C3C HEM B . -2.54 7.33 0.36
C4C HEM B . -3.46 6.22 0.25
CMC HEM B . -0.03 7.72 -0.26
CAC HEM B . -2.96 8.69 0.96
CBC HEM B . -2.19 9.80 0.97
C1D HEM B . -5.73 5.25 0.28
C2D HEM B . -7.14 5.25 0.60
C3D HEM B . -7.70 4.16 0.05
C4D HEM B . -6.66 3.43 -0.66
CMD HEM B . -7.89 6.31 1.44
CAD HEM B . -9.17 3.74 0.11
CBD HEM B . -9.81 4.23 -1.19
CGD HEM B . -11.19 3.65 -1.38
O1D HEM B . -11.90 4.10 -2.31
O2D HEM B . -11.59 2.75 -0.59
NA HEM B . -4.47 1.67 -1.64
NB HEM B . -1.79 2.73 -1.57
NC HEM B . -2.78 5.15 -0.33
ND HEM B . -5.47 4.13 -0.49
FE HEM B . -3.64 3.52 -1.18
C10 5R0 C . -5.56 1.43 4.69
C1 5R0 C . -8.45 3.75 5.52
C01 5R0 C . -3.46 1.55 1.93
C02 5R0 C . -4.55 0.64 2.50
C03 5R0 C . -3.90 -0.42 3.40
C04 5R0 C . -5.27 -0.03 1.35
C05 5R0 C . -5.57 1.46 3.31
C06 5R0 C . -6.50 2.23 2.63
C07 5R0 C . -7.44 2.97 3.35
C08 5R0 C . -7.43 2.93 4.73
C09 5R0 C . -6.50 2.17 5.40
O12 5R0 C . -9.46 4.24 4.94
O2 5R0 C . -8.28 3.93 6.75
CL CL D . -8.07 3.67 15.56
#